data_7VRB
#
_entry.id   7VRB
#
_cell.length_a   101.607
_cell.length_b   105.829
_cell.length_c   225.857
_cell.angle_alpha   90.000
_cell.angle_beta   90.000
_cell.angle_gamma   90.000
#
_symmetry.space_group_name_H-M   'F 2 2 2'
#
loop_
_entity.id
_entity.type
_entity.pdbx_description
1 polymer 'SMARCA4 protein,Protein SSXT'
2 water water
#
_entity_poly.entity_id   1
_entity_poly.type   'polypeptide(L)'
_entity_poly.pdbx_seq_one_letter_code
;GSFNQNQLHQLRAQIMAYKMLARGQPLPDHLQMAVQGKRPMPGMGSENLYFQSGSGEITPAAIQKMLDDNNHLIQCIMDS
QNKGKTSECSQYQQMLHTNLVYLATIADSNQNMQSLLPAPPTQNMPMGPGGMNQSGPPPPPRS
;
_entity_poly.pdbx_strand_id   A,B,C,D
#
# COMPACT_ATOMS: atom_id res chain seq x y z
N GLY A 1 -5.88 -5.81 -10.44
CA GLY A 1 -5.28 -5.76 -11.77
C GLY A 1 -4.48 -7.00 -12.17
N SER A 2 -3.24 -6.76 -12.60
CA SER A 2 -2.55 -7.72 -13.47
C SER A 2 -1.86 -8.85 -12.75
N PHE A 3 -1.64 -8.75 -11.45
CA PHE A 3 -0.97 -9.82 -10.73
C PHE A 3 -1.99 -10.90 -10.41
N ASN A 4 -1.62 -12.15 -10.66
CA ASN A 4 -2.41 -13.27 -10.18
C ASN A 4 -1.69 -13.88 -8.98
N GLN A 5 -2.32 -14.89 -8.39
CA GLN A 5 -1.85 -15.39 -7.11
C GLN A 5 -0.50 -16.07 -7.26
N ASN A 6 -0.30 -16.79 -8.37
CA ASN A 6 0.96 -17.49 -8.58
C ASN A 6 2.11 -16.49 -8.71
N GLN A 7 1.84 -15.36 -9.37
CA GLN A 7 2.86 -14.34 -9.55
C GLN A 7 3.19 -13.66 -8.24
N LEU A 8 2.18 -13.32 -7.43
CA LEU A 8 2.41 -12.78 -6.11
C LEU A 8 3.25 -13.74 -5.27
N HIS A 9 3.00 -15.04 -5.39
CA HIS A 9 3.84 -16.01 -4.69
C HIS A 9 5.25 -16.04 -5.28
N GLN A 10 5.39 -16.01 -6.60
CA GLN A 10 6.73 -16.02 -7.18
C GLN A 10 7.52 -14.75 -6.80
N LEU A 11 6.83 -13.61 -6.74
CA LEU A 11 7.47 -12.34 -6.39
C LEU A 11 7.94 -12.33 -4.93
N ARG A 12 7.12 -12.81 -3.97
CA ARG A 12 7.58 -12.95 -2.59
C ARG A 12 8.81 -13.81 -2.51
N ALA A 13 8.80 -14.96 -3.20
CA ALA A 13 9.94 -15.85 -3.15
C ALA A 13 11.19 -15.15 -3.68
N GLN A 14 11.04 -14.34 -4.73
CA GLN A 14 12.24 -13.73 -5.29
C GLN A 14 12.79 -12.68 -4.35
N ILE A 15 11.91 -11.92 -3.70
CA ILE A 15 12.30 -10.96 -2.67
C ILE A 15 13.06 -11.66 -1.55
N MET A 16 12.52 -12.79 -1.07
CA MET A 16 13.23 -13.63 -0.09
C MET A 16 14.59 -14.07 -0.61
N ALA A 17 14.62 -14.62 -1.83
CA ALA A 17 15.87 -15.06 -2.41
C ALA A 17 16.85 -13.90 -2.51
N TYR A 18 16.36 -12.71 -2.88
CA TYR A 18 17.24 -11.57 -3.03
C TYR A 18 18.03 -11.32 -1.74
N LYS A 19 17.34 -11.23 -0.61
CA LYS A 19 18.00 -10.96 0.66
C LYS A 19 19.02 -12.05 1.01
N MET A 20 18.62 -13.33 0.93
CA MET A 20 19.57 -14.40 1.20
C MET A 20 20.79 -14.30 0.31
N LEU A 21 20.61 -13.92 -0.95
CA LEU A 21 21.77 -13.77 -1.83
C LEU A 21 22.60 -12.54 -1.48
N ALA A 22 22.02 -11.58 -0.75
CA ALA A 22 22.76 -10.40 -0.32
C ALA A 22 23.52 -10.62 0.98
N ARG A 23 22.99 -11.47 1.88
CA ARG A 23 23.66 -11.88 3.11
C ARG A 23 24.51 -13.13 2.94
N GLY A 24 25.05 -13.37 1.74
CA GLY A 24 25.94 -14.49 1.46
C GLY A 24 25.34 -15.88 1.46
N GLN A 25 24.11 -16.06 1.96
CA GLN A 25 23.55 -17.40 2.11
C GLN A 25 23.33 -18.09 0.75
N PRO A 26 23.20 -19.42 0.76
CA PRO A 26 22.69 -20.11 -0.43
C PRO A 26 21.20 -20.36 -0.32
N LEU A 27 20.58 -20.69 -1.43
CA LEU A 27 19.14 -20.83 -1.40
C LEU A 27 18.77 -22.29 -1.28
N PRO A 28 17.95 -22.69 -0.30
CA PRO A 28 17.47 -24.08 -0.25
C PRO A 28 16.82 -24.50 -1.56
N ASP A 29 16.78 -25.81 -1.81
CA ASP A 29 16.22 -26.32 -3.06
C ASP A 29 14.74 -25.96 -3.21
N HIS A 30 13.98 -25.96 -2.11
CA HIS A 30 12.58 -25.53 -2.18
C HIS A 30 12.45 -24.14 -2.77
N LEU A 31 13.22 -23.18 -2.22
CA LEU A 31 13.13 -21.80 -2.66
C LEU A 31 13.63 -21.61 -4.09
N GLN A 32 14.65 -22.36 -4.49
CA GLN A 32 15.10 -22.24 -5.88
C GLN A 32 14.00 -22.58 -6.86
N MET A 33 13.04 -23.40 -6.46
CA MET A 33 11.91 -23.73 -7.33
C MET A 33 10.73 -22.81 -7.11
N ALA A 34 10.57 -22.26 -5.91
CA ALA A 34 9.54 -21.24 -5.72
C ALA A 34 9.82 -20.00 -6.56
N VAL A 35 11.08 -19.78 -6.93
CA VAL A 35 11.51 -18.59 -7.65
C VAL A 35 11.27 -18.73 -9.15
N GLN A 36 11.12 -19.97 -9.65
CA GLN A 36 10.77 -20.23 -11.05
C GLN A 36 9.28 -20.07 -11.31
N GLY A 37 8.44 -20.36 -10.33
CA GLY A 37 7.01 -20.45 -10.58
C GLY A 37 6.64 -21.68 -11.41
N LYS A 38 5.35 -21.75 -11.77
CA LYS A 38 4.84 -22.83 -12.60
C LYS A 38 5.05 -22.55 -14.09
N ARG A 39 5.34 -23.61 -14.85
CA ARG A 39 5.49 -23.57 -16.31
C ARG A 39 6.65 -22.70 -16.76
N LEU A 49 2.69 -13.22 -27.79
CA LEU A 49 1.48 -12.97 -27.01
C LEU A 49 1.33 -11.47 -26.65
N TYR A 50 0.46 -11.17 -25.68
CA TYR A 50 0.01 -9.79 -25.43
C TYR A 50 0.92 -9.17 -24.38
N PHE A 51 2.03 -8.58 -24.84
CA PHE A 51 2.99 -7.97 -23.93
C PHE A 51 2.73 -6.50 -23.68
N GLN A 52 2.07 -5.79 -24.58
CA GLN A 52 1.80 -4.37 -24.39
C GLN A 52 0.31 -4.12 -24.49
N SER A 53 -0.20 -3.21 -23.69
CA SER A 53 -1.61 -2.86 -23.70
C SER A 53 -1.78 -1.55 -24.45
N GLY A 54 -3.03 -1.24 -24.82
CA GLY A 54 -3.29 -0.04 -25.56
C GLY A 54 -2.95 1.22 -24.77
N SER A 55 -3.31 1.24 -23.49
CA SER A 55 -3.10 2.41 -22.64
C SER A 55 -1.67 2.54 -22.13
N GLY A 56 -0.91 1.44 -22.08
CA GLY A 56 0.41 1.44 -21.49
C GLY A 56 0.48 0.74 -20.17
N GLU A 57 -0.67 0.40 -19.58
CA GLU A 57 -0.69 -0.38 -18.34
C GLU A 57 0.03 -1.72 -18.52
N ILE A 58 0.76 -2.12 -17.48
CA ILE A 58 1.50 -3.36 -17.58
C ILE A 58 0.51 -4.53 -17.70
N THR A 59 0.91 -5.55 -18.46
CA THR A 59 0.05 -6.70 -18.72
C THR A 59 0.52 -7.90 -17.92
N PRO A 60 -0.36 -8.90 -17.71
CA PRO A 60 0.07 -10.13 -17.03
C PRO A 60 1.27 -10.77 -17.67
N ALA A 61 1.34 -10.72 -19.00
CA ALA A 61 2.44 -11.37 -19.70
C ALA A 61 3.74 -10.61 -19.49
N ALA A 62 3.67 -9.27 -19.44
CA ALA A 62 4.84 -8.46 -19.12
C ALA A 62 5.36 -8.76 -17.71
N ILE A 63 4.45 -8.91 -16.75
CA ILE A 63 4.86 -9.25 -15.39
C ILE A 63 5.55 -10.59 -15.37
N GLN A 64 4.97 -11.57 -16.10
CA GLN A 64 5.52 -12.92 -16.08
C GLN A 64 6.91 -12.94 -16.71
N LYS A 65 7.12 -12.16 -17.77
CA LYS A 65 8.44 -12.12 -18.41
C LYS A 65 9.50 -11.57 -17.45
N MET A 66 9.15 -10.55 -16.67
CA MET A 66 10.14 -9.98 -15.76
C MET A 66 10.39 -10.90 -14.57
N LEU A 67 9.38 -11.64 -14.11
CA LEU A 67 9.63 -12.66 -13.09
C LEU A 67 10.55 -13.76 -13.61
N ASP A 68 10.41 -14.13 -14.89
CA ASP A 68 11.29 -15.13 -15.49
C ASP A 68 12.71 -14.59 -15.65
N ASP A 69 12.85 -13.36 -16.17
CA ASP A 69 14.13 -12.67 -16.13
C ASP A 69 14.75 -12.72 -14.74
N ASN A 70 13.95 -12.47 -13.69
CA ASN A 70 14.49 -12.43 -12.33
C ASN A 70 15.00 -13.80 -11.91
N ASN A 71 14.29 -14.87 -12.31
CA ASN A 71 14.80 -16.22 -12.07
C ASN A 71 16.15 -16.43 -12.75
N HIS A 72 16.29 -16.02 -14.01
CA HIS A 72 17.59 -16.13 -14.70
C HIS A 72 18.66 -15.31 -13.99
N LEU A 73 18.29 -14.11 -13.51
CA LEU A 73 19.23 -13.30 -12.73
C LEU A 73 19.63 -14.01 -11.45
N ILE A 74 18.66 -14.61 -10.74
CA ILE A 74 18.98 -15.33 -9.52
C ILE A 74 19.91 -16.49 -9.82
N GLN A 75 19.78 -17.12 -10.99
CA GLN A 75 20.67 -18.22 -11.35
C GLN A 75 22.05 -17.72 -11.74
N CYS A 76 22.13 -16.62 -12.50
CA CYS A 76 23.43 -16.02 -12.80
C CYS A 76 24.13 -15.56 -11.52
N ILE A 77 23.37 -15.02 -10.57
CA ILE A 77 23.95 -14.55 -9.31
C ILE A 77 24.57 -15.73 -8.55
N MET A 78 23.83 -16.83 -8.42
CA MET A 78 24.32 -17.98 -7.69
C MET A 78 25.58 -18.55 -8.33
N ASP A 79 25.53 -18.81 -9.64
CA ASP A 79 26.66 -19.40 -10.33
C ASP A 79 27.91 -18.53 -10.19
N SER A 80 27.77 -17.22 -10.38
CA SER A 80 28.93 -16.33 -10.28
C SER A 80 29.34 -16.08 -8.83
N GLN A 81 28.57 -16.52 -7.84
CA GLN A 81 29.04 -16.49 -6.47
C GLN A 81 29.91 -17.69 -6.16
N ASN A 82 29.60 -18.84 -6.76
CA ASN A 82 30.47 -20.00 -6.66
C ASN A 82 31.82 -19.73 -7.33
N LYS A 83 31.81 -19.12 -8.51
CA LYS A 83 33.04 -18.77 -9.21
C LYS A 83 33.61 -17.42 -8.78
N GLY A 84 33.19 -16.92 -7.62
CA GLY A 84 33.75 -15.70 -7.04
C GLY A 84 33.82 -14.46 -7.91
N LYS A 85 33.12 -14.49 -9.05
CA LYS A 85 33.12 -13.38 -10.02
C LYS A 85 32.46 -12.16 -9.38
N THR A 86 33.23 -11.48 -8.54
CA THR A 86 32.71 -10.38 -7.72
C THR A 86 31.98 -9.32 -8.55
N SER A 87 32.60 -8.87 -9.64
CA SER A 87 32.06 -7.78 -10.44
C SER A 87 30.87 -8.24 -11.28
N GLU A 88 30.86 -9.51 -11.70
CA GLU A 88 29.65 -10.08 -12.29
C GLU A 88 28.50 -10.00 -11.31
N CYS A 89 28.73 -10.46 -10.07
CA CYS A 89 27.66 -10.63 -9.10
C CYS A 89 26.98 -9.30 -8.77
N SER A 90 27.74 -8.20 -8.79
CA SER A 90 27.18 -6.92 -8.35
C SER A 90 26.24 -6.34 -9.39
N GLN A 91 26.59 -6.45 -10.67
CA GLN A 91 25.72 -5.90 -11.69
C GLN A 91 24.43 -6.71 -11.80
N TYR A 92 24.50 -8.03 -11.64
CA TYR A 92 23.29 -8.84 -11.64
C TYR A 92 22.41 -8.48 -10.45
N GLN A 93 23.03 -8.37 -9.26
CA GLN A 93 22.26 -8.03 -8.06
C GLN A 93 21.58 -6.68 -8.21
N GLN A 94 22.25 -5.70 -8.83
CA GLN A 94 21.64 -4.38 -9.02
C GLN A 94 20.44 -4.46 -9.95
N MET A 95 20.55 -5.24 -11.02
CA MET A 95 19.42 -5.37 -11.94
C MET A 95 18.25 -6.09 -11.26
N LEU A 96 18.52 -7.20 -10.57
CA LEU A 96 17.48 -7.89 -9.82
C LEU A 96 16.79 -6.96 -8.84
N HIS A 97 17.56 -6.25 -8.02
CA HIS A 97 16.98 -5.33 -7.06
C HIS A 97 16.03 -4.36 -7.72
N THR A 98 16.44 -3.77 -8.86
CA THR A 98 15.61 -2.74 -9.47
C THR A 98 14.35 -3.35 -10.07
N ASN A 99 14.42 -4.58 -10.57
CA ASN A 99 13.22 -5.28 -11.03
C ASN A 99 12.25 -5.55 -9.88
N LEU A 100 12.77 -6.06 -8.76
CA LEU A 100 11.91 -6.41 -7.63
C LEU A 100 11.23 -5.17 -7.05
N VAL A 101 11.93 -4.03 -7.01
CA VAL A 101 11.31 -2.81 -6.53
C VAL A 101 10.17 -2.41 -7.45
N TYR A 102 10.39 -2.55 -8.76
CA TYR A 102 9.37 -2.24 -9.75
C TYR A 102 8.15 -3.17 -9.61
N LEU A 103 8.38 -4.49 -9.60
CA LEU A 103 7.28 -5.44 -9.46
C LEU A 103 6.58 -5.27 -8.11
N ALA A 104 7.34 -5.04 -7.02
CA ALA A 104 6.72 -4.83 -5.72
C ALA A 104 5.87 -3.56 -5.69
N THR A 105 6.29 -2.49 -6.39
CA THR A 105 5.50 -1.27 -6.38
C THR A 105 4.19 -1.47 -7.13
N ILE A 106 4.24 -2.21 -8.25
CA ILE A 106 3.05 -2.44 -9.05
C ILE A 106 2.06 -3.35 -8.30
N ALA A 107 2.56 -4.44 -7.72
CA ALA A 107 1.72 -5.32 -6.89
C ALA A 107 1.06 -4.57 -5.73
N ASP A 108 1.82 -3.71 -5.03
CA ASP A 108 1.24 -2.95 -3.93
C ASP A 108 0.11 -2.02 -4.41
N SER A 109 0.35 -1.27 -5.49
CA SER A 109 -0.67 -0.36 -6.01
C SER A 109 -1.93 -1.10 -6.41
N ASN A 110 -1.77 -2.26 -7.04
CA ASN A 110 -2.93 -3.01 -7.49
C ASN A 110 -3.74 -3.53 -6.31
N GLN A 111 -3.07 -4.13 -5.32
CA GLN A 111 -3.74 -4.74 -4.17
C GLN A 111 -4.21 -3.71 -3.13
N ASN A 112 -3.71 -2.48 -3.18
CA ASN A 112 -3.99 -1.47 -2.15
C ASN A 112 -5.49 -1.23 -2.02
N MET A 113 -6.01 -1.33 -0.81
CA MET A 113 -7.46 -1.21 -0.61
C MET A 113 -7.90 0.13 -0.06
N GLN A 114 -7.03 0.87 0.65
CA GLN A 114 -7.44 2.18 1.15
C GLN A 114 -7.72 3.14 -0.01
N SER A 115 -6.91 3.10 -1.07
CA SER A 115 -7.15 4.00 -2.19
C SER A 115 -8.49 3.75 -2.86
N LEU A 116 -9.06 2.55 -2.70
CA LEU A 116 -10.41 2.26 -3.19
C LEU A 116 -11.49 3.04 -2.47
N LEU A 117 -11.21 3.59 -1.31
CA LEU A 117 -12.33 4.15 -0.59
C LEU A 117 -12.48 5.66 -0.86
N PRO A 118 -13.72 6.11 -1.05
CA PRO A 118 -13.95 7.55 -1.27
C PRO A 118 -13.76 8.35 0.00
N ALA A 119 -14.03 9.66 -0.09
CA ALA A 119 -13.96 10.55 1.05
C ALA A 119 -15.07 10.23 2.06
N PRO A 120 -14.89 10.63 3.32
CA PRO A 120 -15.93 10.40 4.34
C PRO A 120 -17.22 11.09 3.95
N PRO A 121 -18.40 10.47 4.22
CA PRO A 121 -19.72 11.00 3.86
C PRO A 121 -20.00 12.42 4.37
N SER B 2 -1.85 -12.10 10.15
CA SER B 2 -2.81 -11.13 10.66
C SER B 2 -4.17 -11.27 9.95
N PHE B 3 -4.25 -10.80 8.70
CA PHE B 3 -5.37 -11.16 7.83
C PHE B 3 -5.14 -12.54 7.23
N ASN B 4 -6.18 -13.36 7.18
CA ASN B 4 -6.20 -14.54 6.34
C ASN B 4 -6.90 -14.20 5.04
N GLN B 5 -6.97 -15.16 4.12
CA GLN B 5 -7.41 -14.79 2.78
C GLN B 5 -8.92 -14.58 2.75
N ASN B 6 -9.69 -15.38 3.49
CA ASN B 6 -11.13 -15.14 3.59
C ASN B 6 -11.42 -13.70 4.01
N GLN B 7 -10.57 -13.16 4.90
CA GLN B 7 -10.84 -11.86 5.49
C GLN B 7 -10.54 -10.74 4.51
N LEU B 8 -9.36 -10.82 3.86
CA LEU B 8 -9.02 -9.95 2.74
C LEU B 8 -10.13 -9.91 1.71
N HIS B 9 -10.66 -11.08 1.35
CA HIS B 9 -11.75 -11.14 0.38
C HIS B 9 -12.99 -10.45 0.92
N GLN B 10 -13.31 -10.66 2.19
CA GLN B 10 -14.53 -10.08 2.74
C GLN B 10 -14.40 -8.57 2.86
N LEU B 11 -13.21 -8.11 3.27
CA LEU B 11 -12.94 -6.68 3.34
C LEU B 11 -13.13 -6.00 1.98
N ARG B 12 -12.51 -6.57 0.93
CA ARG B 12 -12.63 -6.02 -0.42
C ARG B 12 -14.09 -5.93 -0.87
N ALA B 13 -14.85 -6.99 -0.65
CA ALA B 13 -16.27 -6.97 -0.98
C ALA B 13 -17.01 -5.88 -0.22
N GLN B 14 -16.66 -5.68 1.06
CA GLN B 14 -17.34 -4.66 1.84
C GLN B 14 -16.99 -3.26 1.33
N ILE B 15 -15.73 -3.06 0.95
CA ILE B 15 -15.33 -1.79 0.36
C ILE B 15 -16.15 -1.53 -0.91
N MET B 16 -16.23 -2.54 -1.77
CA MET B 16 -17.01 -2.40 -2.99
C MET B 16 -18.48 -2.17 -2.68
N ALA B 17 -19.03 -2.91 -1.70
CA ALA B 17 -20.39 -2.67 -1.27
C ALA B 17 -20.58 -1.23 -0.82
N TYR B 18 -19.60 -0.67 -0.11
CA TYR B 18 -19.74 0.67 0.41
C TYR B 18 -19.91 1.69 -0.71
N LYS B 19 -19.08 1.58 -1.75
CA LYS B 19 -19.10 2.56 -2.84
C LYS B 19 -20.46 2.56 -3.53
N MET B 20 -21.01 1.37 -3.84
CA MET B 20 -22.35 1.29 -4.44
C MET B 20 -23.41 1.87 -3.51
N LEU B 21 -23.34 1.55 -2.22
CA LEU B 21 -24.35 2.06 -1.30
C LEU B 21 -24.26 3.57 -1.15
N ALA B 22 -23.06 4.13 -1.29
CA ALA B 22 -22.86 5.56 -1.12
C ALA B 22 -23.46 6.34 -2.30
N ARG B 23 -23.36 5.76 -3.51
CA ARG B 23 -24.04 6.26 -4.70
C ARG B 23 -25.41 5.61 -4.89
N GLY B 24 -26.15 5.37 -3.80
CA GLY B 24 -27.55 5.00 -3.86
C GLY B 24 -27.95 3.80 -4.68
N GLN B 25 -26.99 2.98 -5.10
CA GLN B 25 -27.30 1.78 -5.87
C GLN B 25 -27.73 0.64 -4.94
N PRO B 26 -28.32 -0.42 -5.50
CA PRO B 26 -28.54 -1.64 -4.71
C PRO B 26 -27.36 -2.57 -4.86
N LEU B 27 -27.37 -3.69 -4.15
CA LEU B 27 -26.22 -4.56 -4.18
C LEU B 27 -26.49 -5.79 -5.04
N PRO B 28 -25.57 -6.15 -5.94
CA PRO B 28 -25.69 -7.43 -6.65
C PRO B 28 -25.62 -8.62 -5.69
N ASP B 29 -26.16 -9.75 -6.16
CA ASP B 29 -26.25 -10.94 -5.32
C ASP B 29 -24.88 -11.44 -4.91
N HIS B 30 -23.92 -11.45 -5.85
CA HIS B 30 -22.59 -11.95 -5.53
C HIS B 30 -21.90 -11.10 -4.47
N LEU B 31 -22.15 -9.79 -4.46
CA LEU B 31 -21.57 -8.90 -3.45
C LEU B 31 -22.31 -9.01 -2.13
N GLN B 32 -23.65 -9.13 -2.16
CA GLN B 32 -24.42 -9.37 -0.94
C GLN B 32 -23.96 -10.62 -0.22
N MET B 33 -23.51 -11.62 -0.97
CA MET B 33 -22.93 -12.82 -0.37
C MET B 33 -21.53 -12.65 0.14
N ALA B 34 -20.64 -11.99 -0.62
CA ALA B 34 -19.26 -11.88 -0.20
C ALA B 34 -19.10 -11.02 1.05
N VAL B 35 -19.98 -10.04 1.29
CA VAL B 35 -19.78 -9.15 2.43
C VAL B 35 -20.05 -9.84 3.75
N GLN B 36 -20.63 -11.04 3.73
CA GLN B 36 -20.84 -11.80 4.95
C GLN B 36 -19.72 -12.77 5.26
N GLY B 37 -19.01 -13.25 4.25
CA GLY B 37 -17.91 -14.17 4.48
C GLY B 37 -18.31 -15.63 4.35
N LYS B 38 -17.72 -16.49 5.18
CA LYS B 38 -18.04 -17.91 5.18
C LYS B 38 -18.37 -18.34 6.60
N TYR B 50 -10.66 -13.39 25.27
CA TYR B 50 -10.47 -13.43 23.82
C TYR B 50 -10.38 -12.04 23.17
N PHE B 51 -10.13 -12.00 21.85
CA PHE B 51 -10.06 -10.77 21.06
C PHE B 51 -8.82 -9.93 21.31
N GLN B 52 -8.31 -9.90 22.55
CA GLN B 52 -7.24 -9.02 22.95
C GLN B 52 -5.91 -9.77 22.90
N SER B 53 -4.85 -9.06 22.51
CA SER B 53 -3.48 -9.59 22.52
C SER B 53 -2.68 -8.88 23.60
N GLY B 54 -1.62 -9.55 24.06
CA GLY B 54 -0.81 -8.99 25.13
C GLY B 54 -0.08 -7.71 24.75
N SER B 55 0.29 -7.57 23.49
CA SER B 55 1.04 -6.41 23.04
C SER B 55 0.17 -5.28 22.52
N GLY B 56 -1.08 -5.55 22.18
CA GLY B 56 -1.96 -4.56 21.59
C GLY B 56 -2.20 -4.72 20.11
N GLU B 57 -1.35 -5.48 19.39
CA GLU B 57 -1.64 -5.81 18.00
C GLU B 57 -3.03 -6.39 17.89
N ILE B 58 -3.73 -5.99 16.82
CA ILE B 58 -5.05 -6.54 16.56
C ILE B 58 -4.93 -8.06 16.30
N THR B 59 -5.96 -8.79 16.65
CA THR B 59 -5.97 -10.24 16.52
C THR B 59 -6.92 -10.64 15.43
N PRO B 60 -6.72 -11.84 14.83
CA PRO B 60 -7.67 -12.32 13.82
C PRO B 60 -9.12 -12.22 14.25
N ALA B 61 -9.42 -12.57 15.50
CA ALA B 61 -10.80 -12.51 15.95
C ALA B 61 -11.30 -11.08 16.13
N ALA B 62 -10.42 -10.13 16.48
CA ALA B 62 -10.84 -8.74 16.47
C ALA B 62 -11.16 -8.28 15.04
N ILE B 63 -10.30 -8.64 14.09
CA ILE B 63 -10.56 -8.33 12.68
C ILE B 63 -11.88 -8.91 12.25
N GLN B 64 -12.17 -10.15 12.66
CA GLN B 64 -13.43 -10.77 12.23
C GLN B 64 -14.60 -10.14 12.94
N LYS B 65 -14.43 -9.69 14.18
CA LYS B 65 -15.50 -8.97 14.85
C LYS B 65 -15.89 -7.72 14.07
N MET B 66 -14.90 -6.95 13.61
CA MET B 66 -15.24 -5.72 12.90
C MET B 66 -15.85 -6.03 11.54
N LEU B 67 -15.37 -7.09 10.86
CA LEU B 67 -15.97 -7.48 9.58
C LEU B 67 -17.42 -7.88 9.76
N ASP B 68 -17.74 -8.56 10.85
CA ASP B 68 -19.14 -8.87 11.14
C ASP B 68 -19.92 -7.61 11.50
N ASP B 69 -19.35 -6.72 12.31
CA ASP B 69 -19.89 -5.39 12.52
C ASP B 69 -20.25 -4.72 11.19
N ASN B 70 -19.33 -4.78 10.22
CA ASN B 70 -19.54 -4.12 8.94
C ASN B 70 -20.68 -4.77 8.17
N ASN B 71 -20.79 -6.09 8.23
CA ASN B 71 -21.90 -6.74 7.56
C ASN B 71 -23.24 -6.28 8.13
N HIS B 72 -23.31 -6.07 9.46
CA HIS B 72 -24.53 -5.60 10.07
C HIS B 72 -24.78 -4.14 9.79
N LEU B 73 -23.70 -3.35 9.65
CA LEU B 73 -23.88 -1.96 9.23
C LEU B 73 -24.39 -1.89 7.80
N ILE B 74 -23.91 -2.79 6.93
CA ILE B 74 -24.36 -2.82 5.54
C ILE B 74 -25.83 -3.20 5.47
N GLN B 75 -26.27 -4.14 6.32
CA GLN B 75 -27.69 -4.51 6.37
C GLN B 75 -28.54 -3.33 6.81
N CYS B 76 -28.10 -2.59 7.82
CA CYS B 76 -28.84 -1.42 8.26
C CYS B 76 -28.86 -0.33 7.18
N ILE B 77 -27.74 -0.14 6.48
CA ILE B 77 -27.71 0.88 5.42
C ILE B 77 -28.68 0.51 4.30
N MET B 78 -28.72 -0.77 3.92
CA MET B 78 -29.66 -1.19 2.88
C MET B 78 -31.10 -0.94 3.31
N ASP B 79 -31.41 -1.18 4.58
CA ASP B 79 -32.77 -0.99 5.07
C ASP B 79 -33.19 0.48 5.00
N SER B 80 -32.42 1.36 5.63
CA SER B 80 -32.75 2.79 5.67
C SER B 80 -32.85 3.42 4.28
N GLN B 81 -32.44 2.72 3.23
CA GLN B 81 -32.70 3.15 1.86
C GLN B 81 -34.03 2.64 1.33
N ASN B 82 -34.59 1.58 1.94
CA ASN B 82 -35.96 1.16 1.68
C ASN B 82 -36.94 1.66 2.73
N LYS B 83 -36.45 2.00 3.92
CA LYS B 83 -37.28 2.58 4.97
C LYS B 83 -37.40 4.10 4.86
N GLY B 84 -36.70 4.72 3.91
CA GLY B 84 -36.74 6.16 3.73
C GLY B 84 -36.11 6.97 4.85
N LYS B 85 -35.68 6.35 5.95
CA LYS B 85 -35.06 7.07 7.07
C LYS B 85 -33.68 7.54 6.63
N THR B 86 -33.69 8.66 5.91
CA THR B 86 -32.47 9.22 5.31
C THR B 86 -31.40 9.53 6.37
N SER B 87 -31.82 9.93 7.58
CA SER B 87 -30.87 10.52 8.52
C SER B 87 -29.95 9.47 9.14
N GLU B 88 -30.51 8.34 9.61
CA GLU B 88 -29.63 7.36 10.22
C GLU B 88 -28.95 6.46 9.19
N CYS B 89 -29.37 6.52 7.92
CA CYS B 89 -28.65 5.88 6.82
C CYS B 89 -27.29 6.53 6.59
N SER B 90 -26.98 7.59 7.34
CA SER B 90 -25.71 8.29 7.18
C SER B 90 -24.82 8.20 8.41
N GLN B 91 -25.40 8.01 9.59
CA GLN B 91 -24.56 7.65 10.72
C GLN B 91 -24.02 6.23 10.56
N TYR B 92 -24.86 5.30 10.10
CA TYR B 92 -24.37 3.98 9.72
C TYR B 92 -23.30 4.08 8.65
N GLN B 93 -23.55 4.92 7.63
CA GLN B 93 -22.58 5.04 6.54
C GLN B 93 -21.23 5.53 7.04
N GLN B 94 -21.23 6.50 7.95
CA GLN B 94 -19.99 7.07 8.43
C GLN B 94 -19.27 6.14 9.39
N MET B 95 -20.03 5.33 10.14
CA MET B 95 -19.39 4.31 10.96
C MET B 95 -18.77 3.24 10.09
N LEU B 96 -19.49 2.81 9.04
CA LEU B 96 -18.94 1.81 8.13
C LEU B 96 -17.73 2.35 7.40
N HIS B 97 -17.73 3.64 7.05
CA HIS B 97 -16.61 4.18 6.31
C HIS B 97 -15.34 4.18 7.15
N THR B 98 -15.47 4.52 8.43
CA THR B 98 -14.31 4.61 9.32
C THR B 98 -13.75 3.23 9.63
N ASN B 99 -14.63 2.24 9.79
CA ASN B 99 -14.20 0.85 9.93
C ASN B 99 -13.41 0.39 8.72
N LEU B 100 -13.93 0.68 7.51
CA LEU B 100 -13.28 0.21 6.29
C LEU B 100 -11.91 0.86 6.11
N VAL B 101 -11.78 2.15 6.42
CA VAL B 101 -10.47 2.81 6.35
C VAL B 101 -9.48 2.12 7.26
N TYR B 102 -9.92 1.82 8.48
CA TYR B 102 -9.07 1.18 9.47
C TYR B 102 -8.62 -0.21 9.01
N LEU B 103 -9.56 -1.08 8.67
CA LEU B 103 -9.21 -2.42 8.20
C LEU B 103 -8.36 -2.37 6.94
N ALA B 104 -8.75 -1.53 5.98
CA ALA B 104 -7.97 -1.37 4.76
C ALA B 104 -6.54 -0.94 5.07
N THR B 105 -6.35 -0.05 6.04
CA THR B 105 -5.01 0.38 6.41
C THR B 105 -4.20 -0.76 7.00
N ILE B 106 -4.80 -1.56 7.88
CA ILE B 106 -4.07 -2.68 8.45
C ILE B 106 -3.75 -3.71 7.37
N ALA B 107 -4.74 -4.01 6.53
CA ALA B 107 -4.53 -4.98 5.45
C ALA B 107 -3.46 -4.51 4.47
N ASP B 108 -3.41 -3.20 4.18
CA ASP B 108 -2.38 -2.71 3.25
C ASP B 108 -0.99 -2.79 3.87
N SER B 109 -0.89 -2.50 5.18
CA SER B 109 0.40 -2.58 5.86
C SER B 109 0.95 -4.01 5.83
N ASN B 110 0.12 -4.99 6.15
CA ASN B 110 0.57 -6.38 6.23
C ASN B 110 1.00 -6.89 4.86
N GLN B 111 0.21 -6.59 3.82
CA GLN B 111 0.41 -7.14 2.49
C GLN B 111 1.49 -6.41 1.71
N ASN B 112 1.94 -5.25 2.18
CA ASN B 112 2.88 -4.43 1.43
C ASN B 112 4.13 -5.22 1.12
N MET B 113 4.62 -5.15 -0.13
CA MET B 113 5.81 -5.89 -0.52
C MET B 113 7.04 -5.03 -0.73
N GLN B 114 6.87 -3.76 -1.07
CA GLN B 114 8.03 -2.89 -1.25
C GLN B 114 8.79 -2.71 0.06
N SER B 115 8.08 -2.66 1.20
CA SER B 115 8.76 -2.55 2.49
C SER B 115 9.68 -3.75 2.77
N LEU B 116 9.47 -4.89 2.12
CA LEU B 116 10.34 -6.04 2.36
C LEU B 116 11.70 -5.90 1.66
N LEU B 117 11.93 -4.85 0.87
CA LEU B 117 13.19 -4.78 0.14
C LEU B 117 14.14 -3.80 0.81
N PRO B 118 15.40 -4.20 0.89
CA PRO B 118 16.45 -3.28 1.33
C PRO B 118 16.67 -2.11 0.40
N ALA B 119 17.61 -1.24 0.77
CA ALA B 119 18.07 -0.17 -0.11
C ALA B 119 18.91 -0.77 -1.22
N PRO B 120 19.12 -0.03 -2.32
CA PRO B 120 19.94 -0.56 -3.44
C PRO B 120 21.26 -1.13 -2.94
N PRO B 121 21.81 -2.15 -3.63
CA PRO B 121 23.07 -2.79 -3.27
C PRO B 121 24.23 -1.79 -3.21
N SER C 2 -19.21 7.95 20.61
CA SER C 2 -19.72 8.14 21.96
C SER C 2 -18.68 7.69 22.99
N PHE C 3 -17.69 8.55 23.17
CA PHE C 3 -16.68 8.43 24.20
C PHE C 3 -17.21 8.98 25.51
N ASN C 4 -16.58 8.58 26.61
CA ASN C 4 -16.76 9.27 27.88
C ASN C 4 -15.56 10.18 28.12
N GLN C 5 -15.66 11.01 29.15
CA GLN C 5 -14.63 12.02 29.40
C GLN C 5 -13.28 11.39 29.64
N ASN C 6 -13.22 10.33 30.45
CA ASN C 6 -11.96 9.64 30.70
C ASN C 6 -11.34 9.15 29.40
N GLN C 7 -12.18 8.63 28.50
CA GLN C 7 -11.69 8.09 27.22
C GLN C 7 -11.17 9.21 26.30
N LEU C 8 -11.88 10.34 26.22
CA LEU C 8 -11.38 11.47 25.45
C LEU C 8 -10.06 11.98 26.03
N HIS C 9 -9.94 12.02 27.35
CA HIS C 9 -8.67 12.43 27.94
C HIS C 9 -7.58 11.38 27.69
N GLN C 10 -7.94 10.09 27.72
CA GLN C 10 -6.93 9.06 27.47
C GLN C 10 -6.48 9.10 26.00
N LEU C 11 -7.44 9.29 25.08
CA LEU C 11 -7.10 9.33 23.66
C LEU C 11 -6.10 10.46 23.38
N ARG C 12 -6.45 11.67 23.80
CA ARG C 12 -5.61 12.84 23.53
C ARG C 12 -4.23 12.67 24.18
N ALA C 13 -4.17 11.99 25.32
CA ALA C 13 -2.88 11.67 25.94
C ALA C 13 -2.08 10.69 25.08
N GLN C 14 -2.76 9.73 24.44
CA GLN C 14 -2.02 8.79 23.59
C GLN C 14 -1.57 9.45 22.30
N ILE C 15 -2.35 10.40 21.76
CA ILE C 15 -1.92 11.13 20.57
C ILE C 15 -0.66 11.95 20.85
N MET C 16 -0.58 12.54 22.04
CA MET C 16 0.63 13.29 22.40
C MET C 16 1.81 12.36 22.66
N ALA C 17 1.55 11.21 23.29
CA ALA C 17 2.61 10.24 23.52
C ALA C 17 3.16 9.73 22.19
N TYR C 18 2.28 9.54 21.19
CA TYR C 18 2.76 9.10 19.89
C TYR C 18 3.76 10.09 19.31
N LYS C 19 3.43 11.39 19.35
CA LYS C 19 4.29 12.41 18.74
C LYS C 19 5.68 12.42 19.37
N MET C 20 5.73 12.39 20.70
CA MET C 20 7.01 12.34 21.40
C MET C 20 7.79 11.08 21.04
N LEU C 21 7.12 9.92 20.98
CA LEU C 21 7.85 8.69 20.73
C LEU C 21 8.45 8.69 19.34
N ALA C 22 7.73 9.24 18.36
CA ALA C 22 8.30 9.38 17.02
C ALA C 22 9.47 10.36 16.99
N ARG C 23 9.56 11.29 17.95
CA ARG C 23 10.70 12.20 18.05
C ARG C 23 11.73 11.71 19.06
N GLY C 24 11.79 10.39 19.28
CA GLY C 24 12.73 9.78 20.18
C GLY C 24 12.60 10.15 21.65
N GLN C 25 11.71 11.06 22.03
CA GLN C 25 11.72 11.62 23.37
C GLN C 25 11.18 10.61 24.40
N PRO C 26 11.54 10.81 25.67
CA PRO C 26 10.92 10.04 26.75
C PRO C 26 9.59 10.66 27.17
N LEU C 27 8.82 9.90 27.96
CA LEU C 27 7.51 10.41 28.31
C LEU C 27 7.50 10.91 29.74
N PRO C 28 7.02 12.12 29.99
CA PRO C 28 6.76 12.55 31.38
C PRO C 28 5.85 11.55 32.08
N ASP C 29 6.15 11.29 33.36
CA ASP C 29 5.34 10.34 34.12
C ASP C 29 3.89 10.79 34.19
N HIS C 30 3.66 12.11 34.18
CA HIS C 30 2.29 12.61 34.07
C HIS C 30 1.62 12.09 32.80
N LEU C 31 2.36 12.09 31.69
CA LEU C 31 1.81 11.61 30.42
C LEU C 31 1.74 10.09 30.39
N GLN C 32 2.76 9.42 30.95
CA GLN C 32 2.73 7.96 31.04
C GLN C 32 1.47 7.48 31.75
N MET C 33 1.10 8.15 32.84
CA MET C 33 -0.07 7.69 33.58
C MET C 33 -1.35 7.98 32.83
N ALA C 34 -1.38 9.07 32.05
CA ALA C 34 -2.59 9.44 31.35
C ALA C 34 -2.81 8.51 30.16
N VAL C 35 -1.72 8.11 29.52
CA VAL C 35 -1.76 7.07 28.50
C VAL C 35 -2.42 5.80 29.04
N GLN C 36 -2.09 5.45 30.28
CA GLN C 36 -2.68 4.28 30.90
C GLN C 36 -4.10 4.52 31.38
N GLY C 37 -4.49 5.76 31.63
CA GLY C 37 -5.84 6.02 32.07
C GLY C 37 -6.03 5.87 33.56
N LYS C 38 -7.29 5.96 33.96
CA LYS C 38 -7.68 5.98 35.38
C LYS C 38 -8.70 4.88 35.70
N TYR C 50 -22.23 -5.57 25.21
CA TYR C 50 -21.25 -4.71 25.87
C TYR C 50 -19.99 -4.47 24.99
N PHE C 51 -19.39 -5.53 24.45
CA PHE C 51 -18.29 -5.35 23.51
C PHE C 51 -18.75 -5.24 22.06
N GLN C 52 -19.88 -5.84 21.71
CA GLN C 52 -20.36 -5.83 20.34
C GLN C 52 -21.85 -5.54 20.35
N SER C 53 -22.29 -4.65 19.47
CA SER C 53 -23.69 -4.25 19.38
C SER C 53 -24.38 -4.95 18.22
N GLY C 54 -25.69 -4.75 18.12
CA GLY C 54 -26.47 -5.36 17.06
C GLY C 54 -26.37 -4.67 15.72
N SER C 55 -26.31 -3.33 15.74
CA SER C 55 -26.19 -2.56 14.51
C SER C 55 -24.81 -2.70 13.88
N GLY C 56 -23.77 -2.92 14.70
CA GLY C 56 -22.40 -2.81 14.28
C GLY C 56 -21.72 -1.54 14.75
N GLU C 57 -22.47 -0.64 15.38
CA GLU C 57 -21.90 0.59 15.93
C GLU C 57 -20.95 0.27 17.07
N ILE C 58 -19.90 1.09 17.19
CA ILE C 58 -18.92 0.88 18.25
C ILE C 58 -19.54 1.20 19.60
N THR C 59 -19.04 0.55 20.65
CA THR C 59 -19.50 0.63 22.02
C THR C 59 -18.43 1.21 22.92
N PRO C 60 -18.79 1.69 24.13
CA PRO C 60 -17.76 2.20 25.04
C PRO C 60 -16.70 1.18 25.42
N ALA C 61 -17.08 -0.10 25.57
CA ALA C 61 -16.09 -1.12 25.91
C ALA C 61 -15.16 -1.40 24.73
N ALA C 62 -15.69 -1.40 23.51
CA ALA C 62 -14.84 -1.47 22.33
C ALA C 62 -13.81 -0.33 22.33
N ILE C 63 -14.26 0.91 22.62
CA ILE C 63 -13.34 2.04 22.66
C ILE C 63 -12.28 1.82 23.73
N GLN C 64 -12.69 1.34 24.91
CA GLN C 64 -11.73 1.13 25.99
C GLN C 64 -10.78 -0.02 25.67
N LYS C 65 -11.28 -1.05 24.99
CA LYS C 65 -10.42 -2.14 24.55
C LYS C 65 -9.31 -1.63 23.62
N MET C 66 -9.65 -0.75 22.67
CA MET C 66 -8.64 -0.23 21.75
C MET C 66 -7.67 0.69 22.47
N LEU C 67 -8.18 1.51 23.41
CA LEU C 67 -7.28 2.41 24.14
C LEU C 67 -6.33 1.63 25.05
N ASP C 68 -6.81 0.53 25.64
CA ASP C 68 -5.91 -0.35 26.40
C ASP C 68 -4.86 -0.97 25.50
N ASP C 69 -5.25 -1.44 24.30
CA ASP C 69 -4.28 -1.87 23.28
C ASP C 69 -3.20 -0.83 23.07
N ASN C 70 -3.62 0.43 22.81
CA ASN C 70 -2.67 1.51 22.53
C ASN C 70 -1.66 1.68 23.66
N ASN C 71 -2.13 1.63 24.90
CA ASN C 71 -1.24 1.71 26.05
C ASN C 71 -0.19 0.61 26.00
N HIS C 72 -0.60 -0.62 25.64
CA HIS C 72 0.37 -1.71 25.55
C HIS C 72 1.29 -1.51 24.36
N LEU C 73 0.75 -1.06 23.23
CA LEU C 73 1.61 -0.70 22.09
C LEU C 73 2.66 0.30 22.49
N ILE C 74 2.29 1.26 23.34
CA ILE C 74 3.25 2.29 23.75
C ILE C 74 4.34 1.68 24.61
N GLN C 75 3.97 0.81 25.56
CA GLN C 75 4.98 0.08 26.31
C GLN C 75 5.92 -0.69 25.37
N CYS C 76 5.38 -1.26 24.29
CA CYS C 76 6.21 -2.01 23.36
C CYS C 76 7.13 -1.10 22.56
N ILE C 77 6.62 0.07 22.16
CA ILE C 77 7.47 0.98 21.39
C ILE C 77 8.67 1.42 22.23
N MET C 78 8.42 1.79 23.49
CA MET C 78 9.52 2.25 24.33
C MET C 78 10.51 1.14 24.60
N ASP C 79 10.02 -0.08 24.86
CA ASP C 79 10.95 -1.19 25.06
C ASP C 79 11.78 -1.46 23.81
N SER C 80 11.14 -1.47 22.64
CA SER C 80 11.88 -1.65 21.39
C SER C 80 12.90 -0.52 21.18
N GLN C 81 12.50 0.71 21.50
CA GLN C 81 13.42 1.84 21.36
C GLN C 81 14.64 1.65 22.25
N ASN C 82 14.40 1.56 23.56
CA ASN C 82 15.49 1.49 24.52
C ASN C 82 16.38 0.27 24.32
N LYS C 83 16.01 -0.67 23.46
CA LYS C 83 16.88 -1.78 23.09
C LYS C 83 17.36 -1.67 21.64
N GLY C 84 17.20 -0.50 21.01
CA GLY C 84 17.67 -0.28 19.65
C GLY C 84 16.99 -1.16 18.62
N LYS C 85 15.99 -1.90 19.07
CA LYS C 85 15.25 -2.83 18.23
C LYS C 85 14.35 -2.05 17.27
N THR C 86 14.81 -1.88 16.03
CA THR C 86 14.34 -0.81 15.16
C THR C 86 13.11 -1.19 14.33
N SER C 87 13.14 -2.31 13.60
CA SER C 87 12.04 -2.59 12.68
C SER C 87 10.77 -2.96 13.46
N GLU C 88 10.95 -3.74 14.52
CA GLU C 88 9.87 -4.02 15.46
C GLU C 88 9.32 -2.75 16.09
N CYS C 89 10.17 -1.74 16.29
CA CYS C 89 9.69 -0.47 16.79
C CYS C 89 8.75 0.20 15.79
N SER C 90 9.01 0.03 14.49
CA SER C 90 8.19 0.72 13.51
C SER C 90 6.88 -0.02 13.24
N GLN C 91 6.86 -1.34 13.39
CA GLN C 91 5.60 -2.05 13.20
C GLN C 91 4.62 -1.74 14.32
N TYR C 92 5.14 -1.59 15.53
CA TYR C 92 4.34 -1.13 16.66
C TYR C 92 3.85 0.30 16.44
N GLN C 93 4.72 1.20 16.00
CA GLN C 93 4.32 2.59 15.80
C GLN C 93 3.27 2.71 14.71
N GLN C 94 3.33 1.87 13.67
CA GLN C 94 2.33 1.95 12.62
C GLN C 94 0.99 1.39 13.10
N MET C 95 1.02 0.35 13.93
CA MET C 95 -0.21 -0.16 14.52
C MET C 95 -0.84 0.89 15.43
N LEU C 96 -0.03 1.49 16.30
CA LEU C 96 -0.51 2.58 17.14
C LEU C 96 -1.13 3.70 16.30
N HIS C 97 -0.43 4.11 15.24
CA HIS C 97 -0.88 5.25 14.47
C HIS C 97 -2.24 4.98 13.84
N THR C 98 -2.42 3.78 13.28
CA THR C 98 -3.69 3.39 12.67
C THR C 98 -4.83 3.36 13.69
N ASN C 99 -4.56 2.90 14.90
CA ASN C 99 -5.56 2.91 15.96
C ASN C 99 -5.96 4.34 16.32
N LEU C 100 -4.97 5.22 16.49
CA LEU C 100 -5.26 6.60 16.89
C LEU C 100 -6.07 7.33 15.81
N VAL C 101 -5.72 7.14 14.54
CA VAL C 101 -6.52 7.70 13.46
C VAL C 101 -7.96 7.25 13.59
N TYR C 102 -8.15 5.97 13.88
CA TYR C 102 -9.49 5.40 13.94
C TYR C 102 -10.29 6.01 15.09
N LEU C 103 -9.70 6.02 16.30
CA LEU C 103 -10.35 6.59 17.47
C LEU C 103 -10.58 8.11 17.31
N ALA C 104 -9.56 8.84 16.85
CA ALA C 104 -9.74 10.28 16.58
C ALA C 104 -10.88 10.54 15.59
N THR C 105 -11.01 9.68 14.58
CA THR C 105 -12.08 9.87 13.61
C THR C 105 -13.44 9.70 14.27
N ILE C 106 -13.61 8.66 15.08
CA ILE C 106 -14.91 8.43 15.70
C ILE C 106 -15.21 9.53 16.72
N ALA C 107 -14.21 9.93 17.49
CA ALA C 107 -14.42 10.99 18.47
C ALA C 107 -14.88 12.29 17.81
N ASP C 108 -14.24 12.67 16.69
CA ASP C 108 -14.60 13.92 16.03
C ASP C 108 -15.98 13.84 15.40
N SER C 109 -16.32 12.71 14.80
CA SER C 109 -17.61 12.59 14.15
C SER C 109 -18.76 12.71 15.14
N ASN C 110 -18.58 12.24 16.37
CA ASN C 110 -19.67 12.31 17.31
C ASN C 110 -19.70 13.62 18.10
N GLN C 111 -18.55 14.23 18.34
CA GLN C 111 -18.48 15.47 19.08
C GLN C 111 -18.67 16.73 18.23
N ASN C 112 -18.55 16.61 16.90
CA ASN C 112 -18.63 17.77 15.99
C ASN C 112 -19.97 18.50 16.13
N MET C 113 -19.92 19.83 16.22
CA MET C 113 -21.17 20.55 16.40
C MET C 113 -21.62 21.43 15.24
N GLN C 114 -20.71 21.85 14.36
CA GLN C 114 -21.12 22.56 13.15
C GLN C 114 -22.10 21.73 12.32
N SER C 115 -21.79 20.45 12.11
CA SER C 115 -22.62 19.62 11.26
C SER C 115 -24.03 19.44 11.80
N LEU C 116 -24.30 19.77 13.07
CA LEU C 116 -25.68 19.77 13.56
C LEU C 116 -26.43 21.05 13.20
N LEU C 117 -25.83 21.96 12.49
CA LEU C 117 -26.58 23.19 12.24
C LEU C 117 -27.06 23.27 10.79
N PRO C 118 -28.30 23.70 10.58
CA PRO C 118 -28.79 23.85 9.20
C PRO C 118 -28.20 25.09 8.52
N ALA C 119 -28.69 25.42 7.34
CA ALA C 119 -28.31 26.65 6.66
C ALA C 119 -28.85 27.86 7.40
N PRO C 120 -28.33 29.05 7.12
CA PRO C 120 -28.91 30.29 7.69
C PRO C 120 -30.38 30.43 7.32
N PRO C 121 -31.20 30.98 8.22
CA PRO C 121 -32.60 31.26 7.89
C PRO C 121 -32.72 32.49 6.99
N SER D 2 21.64 -0.78 -20.76
CA SER D 2 22.24 0.35 -21.47
C SER D 2 21.26 1.02 -22.43
N PHE D 3 21.16 2.33 -22.30
CA PHE D 3 20.31 3.19 -23.11
C PHE D 3 21.12 3.74 -24.29
N ASN D 4 20.40 4.17 -25.33
CA ASN D 4 21.03 5.01 -26.33
C ASN D 4 20.58 6.44 -26.11
N GLN D 5 21.15 7.36 -26.89
CA GLN D 5 20.93 8.77 -26.61
C GLN D 5 19.51 9.18 -26.94
N ASN D 6 18.89 8.52 -27.93
CA ASN D 6 17.47 8.77 -28.21
C ASN D 6 16.62 8.45 -27.00
N GLN D 7 16.85 7.28 -26.40
CA GLN D 7 16.06 6.85 -25.26
C GLN D 7 16.27 7.76 -24.05
N LEU D 8 17.53 8.08 -23.73
CA LEU D 8 17.81 9.03 -22.64
C LEU D 8 17.08 10.35 -22.85
N HIS D 9 17.08 10.85 -24.08
CA HIS D 9 16.37 12.10 -24.36
C HIS D 9 14.86 11.93 -24.20
N GLN D 10 14.31 10.79 -24.66
CA GLN D 10 12.86 10.57 -24.49
C GLN D 10 12.52 10.34 -23.02
N LEU D 11 13.40 9.67 -22.28
CA LEU D 11 13.17 9.44 -20.85
C LEU D 11 13.16 10.76 -20.08
N ARG D 12 14.13 11.64 -20.36
CA ARG D 12 14.16 12.93 -19.67
C ARG D 12 12.93 13.75 -20.01
N ALA D 13 12.47 13.69 -21.26
CA ALA D 13 11.26 14.40 -21.63
C ALA D 13 10.04 13.84 -20.91
N GLN D 14 9.97 12.51 -20.80
CA GLN D 14 8.84 11.93 -20.08
C GLN D 14 8.89 12.28 -18.60
N ILE D 15 10.09 12.38 -18.03
CA ILE D 15 10.21 12.84 -16.64
C ILE D 15 9.73 14.28 -16.53
N MET D 16 10.12 15.14 -17.48
CA MET D 16 9.60 16.51 -17.48
C MET D 16 8.09 16.53 -17.65
N ALA D 17 7.58 15.75 -18.62
CA ALA D 17 6.13 15.75 -18.87
C ALA D 17 5.37 15.33 -17.63
N TYR D 18 5.92 14.36 -16.88
CA TYR D 18 5.25 13.90 -15.66
C TYR D 18 5.08 15.04 -14.66
N LYS D 19 6.12 15.87 -14.49
CA LYS D 19 6.03 16.94 -13.50
C LYS D 19 4.99 17.98 -13.90
N MET D 20 4.98 18.39 -15.17
CA MET D 20 4.00 19.34 -15.65
C MET D 20 2.58 18.83 -15.48
N LEU D 21 2.35 17.54 -15.79
CA LEU D 21 1.02 16.96 -15.65
C LEU D 21 0.59 16.85 -14.19
N ALA D 22 1.53 16.61 -13.28
CA ALA D 22 1.19 16.65 -11.86
C ALA D 22 0.80 18.05 -11.41
N ARG D 23 1.08 19.08 -12.22
CA ARG D 23 0.69 20.46 -11.94
C ARG D 23 -0.45 20.95 -12.84
N GLY D 24 -1.22 20.04 -13.42
CA GLY D 24 -2.31 20.43 -14.29
C GLY D 24 -1.94 21.23 -15.54
N GLN D 25 -0.65 21.45 -15.76
CA GLN D 25 -0.21 22.30 -16.87
C GLN D 25 -0.26 21.54 -18.20
N PRO D 26 -0.21 22.25 -19.31
CA PRO D 26 -0.19 21.60 -20.63
C PRO D 26 1.23 21.35 -21.12
N LEU D 27 1.32 20.60 -22.22
CA LEU D 27 2.60 20.21 -22.74
C LEU D 27 2.88 20.94 -24.04
N PRO D 28 3.93 21.77 -24.08
CA PRO D 28 4.37 22.33 -25.37
C PRO D 28 4.57 21.23 -26.40
N ASP D 29 4.19 21.55 -27.65
CA ASP D 29 4.33 20.58 -28.73
C ASP D 29 5.76 20.06 -28.84
N HIS D 30 6.75 20.87 -28.46
CA HIS D 30 8.12 20.37 -28.54
C HIS D 30 8.36 19.26 -27.51
N LEU D 31 7.74 19.37 -26.33
CA LEU D 31 7.86 18.31 -25.34
C LEU D 31 7.03 17.09 -25.75
N GLN D 32 5.78 17.32 -26.14
CA GLN D 32 4.91 16.24 -26.62
C GLN D 32 5.59 15.39 -27.70
N MET D 33 6.35 16.02 -28.59
CA MET D 33 7.04 15.23 -29.62
C MET D 33 8.25 14.50 -29.06
N ALA D 34 9.02 15.15 -28.17
CA ALA D 34 10.13 14.48 -27.51
C ALA D 34 9.64 13.29 -26.67
N VAL D 35 8.47 13.45 -26.04
CA VAL D 35 7.87 12.37 -25.28
C VAL D 35 7.52 11.19 -26.16
N GLN D 36 7.21 11.44 -27.44
CA GLN D 36 6.97 10.35 -28.38
C GLN D 36 8.24 9.80 -29.01
N GLY D 37 9.30 10.63 -29.09
CA GLY D 37 10.54 10.17 -29.71
C GLY D 37 10.48 10.18 -31.23
N LYS D 38 11.29 9.30 -31.83
CA LYS D 38 11.36 9.16 -33.28
C LYS D 38 10.35 8.13 -33.78
N GLY D 54 18.87 -13.96 -22.26
CA GLY D 54 18.90 -15.22 -21.52
C GLY D 54 19.48 -15.07 -20.14
N SER D 55 20.23 -13.98 -19.93
CA SER D 55 20.85 -13.74 -18.63
C SER D 55 19.98 -12.88 -17.71
N GLY D 56 19.11 -12.03 -18.27
CA GLY D 56 18.11 -11.30 -17.49
C GLY D 56 18.19 -9.79 -17.59
N GLU D 57 19.34 -9.22 -17.98
CA GLU D 57 19.45 -7.76 -18.09
C GLU D 57 18.42 -7.22 -19.06
N ILE D 58 18.14 -5.92 -18.91
CA ILE D 58 17.23 -5.23 -19.81
C ILE D 58 17.94 -5.03 -21.15
N THR D 59 17.17 -5.06 -22.23
CA THR D 59 17.58 -4.87 -23.61
C THR D 59 17.10 -3.52 -24.14
N PRO D 60 17.65 -3.02 -25.25
CA PRO D 60 17.14 -1.77 -25.80
C PRO D 60 15.70 -1.81 -26.29
N ALA D 61 15.23 -2.97 -26.77
CA ALA D 61 13.83 -3.07 -27.19
C ALA D 61 12.91 -3.02 -25.98
N ALA D 62 13.28 -3.73 -24.91
CA ALA D 62 12.53 -3.64 -23.66
C ALA D 62 12.46 -2.19 -23.17
N ILE D 63 13.57 -1.45 -23.29
CA ILE D 63 13.56 -0.04 -22.88
C ILE D 63 12.58 0.75 -23.74
N GLN D 64 12.59 0.51 -25.05
CA GLN D 64 11.73 1.25 -25.96
C GLN D 64 10.26 0.93 -25.73
N LYS D 65 9.94 -0.35 -25.47
CA LYS D 65 8.56 -0.70 -25.17
C LYS D 65 8.06 0.03 -23.94
N MET D 66 8.89 0.14 -22.91
CA MET D 66 8.40 0.87 -21.74
C MET D 66 8.29 2.37 -22.03
N LEU D 67 9.22 2.92 -22.82
CA LEU D 67 9.08 4.34 -23.18
C LEU D 67 7.86 4.56 -24.05
N ASP D 68 7.56 3.61 -24.95
CA ASP D 68 6.30 3.62 -25.70
C ASP D 68 5.09 3.50 -24.79
N ASP D 69 5.09 2.55 -23.85
CA ASP D 69 4.03 2.49 -22.83
C ASP D 69 3.82 3.86 -22.16
N ASN D 70 4.91 4.54 -21.76
CA ASN D 70 4.80 5.82 -21.04
C ASN D 70 4.19 6.91 -21.91
N ASN D 71 4.51 6.91 -23.20
CA ASN D 71 3.85 7.85 -24.10
C ASN D 71 2.35 7.62 -24.11
N HIS D 72 1.93 6.34 -24.12
CA HIS D 72 0.51 6.00 -24.15
C HIS D 72 -0.18 6.38 -22.83
N LEU D 73 0.50 6.18 -21.70
CA LEU D 73 -0.04 6.63 -20.41
C LEU D 73 -0.18 8.13 -20.37
N ILE D 74 0.80 8.87 -20.90
CA ILE D 74 0.74 10.33 -20.87
C ILE D 74 -0.47 10.82 -21.66
N GLN D 75 -0.67 10.26 -22.87
CA GLN D 75 -1.90 10.55 -23.62
C GLN D 75 -3.14 10.23 -22.79
N CYS D 76 -3.13 9.12 -22.06
CA CYS D 76 -4.30 8.79 -21.23
C CYS D 76 -4.43 9.77 -20.08
N ILE D 77 -3.32 10.25 -19.52
CA ILE D 77 -3.41 11.18 -18.39
C ILE D 77 -3.94 12.53 -18.86
N MET D 78 -3.36 13.08 -19.93
CA MET D 78 -3.87 14.34 -20.48
C MET D 78 -5.35 14.25 -20.78
N ASP D 79 -5.75 13.18 -21.49
CA ASP D 79 -7.17 12.99 -21.82
C ASP D 79 -8.02 12.85 -20.56
N SER D 80 -7.52 12.14 -19.54
CA SER D 80 -8.24 12.03 -18.29
C SER D 80 -8.28 13.35 -17.52
N GLN D 81 -7.34 14.25 -17.77
CA GLN D 81 -7.36 15.55 -17.13
C GLN D 81 -8.39 16.46 -17.79
N ASN D 82 -8.27 16.63 -19.12
CA ASN D 82 -9.18 17.50 -19.86
C ASN D 82 -10.65 17.13 -19.61
N LYS D 83 -10.97 15.84 -19.71
CA LYS D 83 -12.34 15.36 -19.54
C LYS D 83 -12.73 15.19 -18.06
N GLY D 84 -11.89 15.63 -17.13
CA GLY D 84 -12.27 15.71 -15.73
C GLY D 84 -12.36 14.41 -14.95
N LYS D 85 -11.95 13.27 -15.53
CA LYS D 85 -12.01 11.99 -14.81
C LYS D 85 -10.81 11.92 -13.86
N THR D 86 -11.05 12.18 -12.58
CA THR D 86 -9.95 12.36 -11.64
C THR D 86 -9.43 11.05 -11.08
N SER D 87 -10.33 10.11 -10.77
CA SER D 87 -9.87 8.84 -10.22
C SER D 87 -9.04 8.07 -11.24
N GLU D 88 -9.46 8.09 -12.50
CA GLU D 88 -8.71 7.41 -13.55
C GLU D 88 -7.38 8.10 -13.83
N CYS D 89 -7.36 9.43 -13.79
CA CYS D 89 -6.13 10.16 -14.07
C CYS D 89 -5.02 9.74 -13.12
N SER D 90 -5.35 9.51 -11.84
CA SER D 90 -4.32 9.23 -10.87
C SER D 90 -3.84 7.77 -10.93
N GLN D 91 -4.62 6.88 -11.53
CA GLN D 91 -4.16 5.51 -11.68
C GLN D 91 -3.15 5.39 -12.79
N TYR D 92 -3.37 6.12 -13.89
CA TYR D 92 -2.36 6.22 -14.92
C TYR D 92 -1.11 6.93 -14.39
N GLN D 93 -1.28 7.99 -13.59
CA GLN D 93 -0.14 8.75 -13.09
C GLN D 93 0.72 7.86 -12.22
N GLN D 94 0.09 6.99 -11.45
CA GLN D 94 0.83 6.10 -10.58
C GLN D 94 1.61 5.08 -11.38
N MET D 95 1.03 4.62 -12.49
CA MET D 95 1.71 3.64 -13.32
C MET D 95 2.85 4.29 -14.09
N LEU D 96 2.62 5.49 -14.62
CA LEU D 96 3.69 6.20 -15.30
C LEU D 96 4.85 6.51 -14.34
N HIS D 97 4.53 6.92 -13.12
CA HIS D 97 5.56 7.21 -12.15
C HIS D 97 6.43 6.00 -11.89
N THR D 98 5.81 4.84 -11.66
CA THR D 98 6.56 3.62 -11.33
C THR D 98 7.48 3.21 -12.47
N ASN D 99 7.00 3.37 -13.71
CA ASN D 99 7.83 3.15 -14.89
C ASN D 99 9.00 4.12 -14.95
N LEU D 100 8.74 5.40 -14.71
CA LEU D 100 9.80 6.41 -14.77
C LEU D 100 10.87 6.15 -13.71
N VAL D 101 10.45 5.87 -12.48
CA VAL D 101 11.39 5.47 -11.43
C VAL D 101 12.25 4.30 -11.89
N TYR D 102 11.62 3.33 -12.55
CA TYR D 102 12.37 2.14 -12.96
C TYR D 102 13.38 2.49 -14.06
N LEU D 103 12.97 3.21 -15.09
CA LEU D 103 13.91 3.53 -16.15
C LEU D 103 15.02 4.43 -15.63
N ALA D 104 14.67 5.37 -14.76
CA ALA D 104 15.65 6.31 -14.21
C ALA D 104 16.66 5.60 -13.33
N THR D 105 16.22 4.62 -12.55
CA THR D 105 17.17 3.88 -11.73
C THR D 105 18.18 3.17 -12.61
N ILE D 106 17.73 2.61 -13.73
CA ILE D 106 18.62 1.85 -14.59
C ILE D 106 19.56 2.79 -15.32
N ALA D 107 19.03 3.86 -15.90
CA ALA D 107 19.87 4.82 -16.59
C ALA D 107 20.89 5.44 -15.63
N ASP D 108 20.46 5.77 -14.40
CA ASP D 108 21.41 6.33 -13.44
C ASP D 108 22.50 5.31 -13.07
N SER D 109 22.11 4.05 -12.83
CA SER D 109 23.09 3.03 -12.50
C SER D 109 24.12 2.86 -13.61
N ASN D 110 23.66 2.82 -14.86
CA ASN D 110 24.61 2.61 -15.94
C ASN D 110 25.55 3.80 -16.10
N GLN D 111 25.04 5.02 -15.92
CA GLN D 111 25.82 6.22 -16.20
C GLN D 111 26.61 6.76 -15.00
N ASN D 112 26.40 6.24 -13.79
CA ASN D 112 26.94 6.88 -12.60
C ASN D 112 28.47 6.80 -12.57
N MET D 113 29.13 7.93 -12.38
CA MET D 113 30.58 7.91 -12.42
C MET D 113 31.17 7.66 -11.05
N GLN D 114 30.59 8.27 -10.03
CA GLN D 114 31.20 8.29 -8.72
C GLN D 114 31.30 6.90 -8.12
N SER D 115 30.28 6.06 -8.31
CA SER D 115 30.32 4.70 -7.77
C SER D 115 31.46 3.87 -8.37
N LEU D 116 31.96 4.22 -9.55
CA LEU D 116 33.12 3.52 -10.10
C LEU D 116 34.42 3.84 -9.37
N LEU D 117 34.45 4.87 -8.52
CA LEU D 117 35.72 5.25 -7.94
C LEU D 117 35.93 4.55 -6.60
N PRO D 118 37.14 4.04 -6.37
CA PRO D 118 37.46 3.47 -5.04
C PRO D 118 37.52 4.57 -3.97
N ALA D 119 37.88 4.19 -2.75
CA ALA D 119 38.11 5.15 -1.66
C ALA D 119 39.46 5.84 -1.86
N PRO D 120 39.68 7.00 -1.21
CA PRO D 120 40.97 7.73 -1.38
C PRO D 120 42.16 6.85 -1.01
N PRO D 121 43.29 6.98 -1.73
CA PRO D 121 44.42 6.03 -1.68
C PRO D 121 45.16 5.97 -0.34
#